data_7JDW
#
_entry.id   7JDW
#
_cell.length_a   83.730
_cell.length_b   83.730
_cell.length_c   200.160
_cell.angle_alpha   90.00
_cell.angle_beta   90.00
_cell.angle_gamma   90.00
#
_symmetry.space_group_name_H-M   'P 43 21 2'
#
loop_
_entity.id
_entity.type
_entity.pdbx_description
1 polymer 'PROTEIN (L-ARGININE:GLYCINE AMIDINOTRANSFERASE)'
2 non-polymer 'DELTA-AMINO VALERIC ACID'
3 water water
#
_entity_poly.entity_id   1
_entity_poly.type   'polypeptide(L)'
_entity_poly.pdbx_seq_one_letter_code
;STQAATASSRNSCAADDKATEPLPKDCPVSSYNEWDPLEEVIVGRAENACVPPFTIEVKANTYEKYWPFYQKQGGHYFPK
DHLKKAVAEIEEMCNILKTEGVTVRRPDPIDWSLKYKTPDFESTGLYSAMPRDILIVVGNEIIEAPMAWRSRFFEYRAYR
SIIKDYFHRGAKWTTAPKPTMADELYNQDYPIHSVEDRHKLAAQGKFVTTEFEPCFDAADFIRAGRDIFAQRSQVTNYLG
IEWMRRHLAPDYRVHIISFKDPNPMHIDATFNIIGPGIVLSNPDRPCHQIDLFKKAGWTIITPPTPIIPDDHPLWMSSKW
LSMNVLMLDEKRVMVDANEVPIQKMFEKLGITTIKVNIRNANSLGGGFHCWTCDVRRRGTLQSYLD
;
_entity_poly.pdbx_strand_id   A
#
loop_
_chem_comp.id
_chem_comp.type
_chem_comp.name
_chem_comp.formula
DAV non-polymer 'DELTA-AMINO VALERIC ACID' 'C5 H12 N O2 1'
#
# COMPACT_ATOMS: atom_id res chain seq x y z
N CYS A 27 22.16 9.08 9.13
CA CYS A 27 21.49 8.17 8.17
C CYS A 27 20.34 8.92 7.51
N PRO A 28 20.24 8.83 6.19
CA PRO A 28 19.15 9.51 5.48
C PRO A 28 17.83 8.77 5.71
N VAL A 29 17.93 7.47 5.98
CA VAL A 29 16.77 6.61 6.22
C VAL A 29 16.55 6.43 7.70
N SER A 30 15.32 6.65 8.14
CA SER A 30 15.00 6.53 9.55
C SER A 30 13.54 6.83 9.80
N SER A 31 12.72 5.79 9.90
CA SER A 31 11.30 5.94 10.14
C SER A 31 10.80 4.76 10.96
N TYR A 32 10.17 5.03 12.11
CA TYR A 32 9.67 3.98 12.98
C TYR A 32 8.17 3.88 13.02
N ASN A 33 7.48 4.86 12.42
CA ASN A 33 6.02 4.86 12.45
C ASN A 33 5.43 5.66 11.31
N GLU A 34 4.11 5.84 11.36
CA GLU A 34 3.37 6.57 10.32
C GLU A 34 3.11 8.08 10.55
N TRP A 35 3.49 8.62 11.71
CA TRP A 35 3.18 10.02 12.06
C TRP A 35 4.26 11.03 12.47
N ASP A 36 5.44 10.57 12.88
CA ASP A 36 6.48 11.52 13.27
C ASP A 36 6.73 12.50 12.12
N PRO A 37 7.22 13.72 12.43
CA PRO A 37 7.50 14.78 11.45
C PRO A 37 8.23 14.28 10.22
N LEU A 38 7.56 14.35 9.08
CA LEU A 38 8.11 13.88 7.83
C LEU A 38 9.17 14.80 7.29
N GLU A 39 10.28 14.21 6.84
CA GLU A 39 11.38 14.96 6.28
C GLU A 39 11.73 14.54 4.85
N GLU A 40 11.54 13.27 4.51
CA GLU A 40 11.87 12.80 3.17
C GLU A 40 10.90 11.70 2.76
N VAL A 41 10.50 11.69 1.50
CA VAL A 41 9.54 10.72 1.05
C VAL A 41 9.82 10.35 -0.41
N ILE A 42 9.39 9.16 -0.83
CA ILE A 42 9.52 8.76 -2.24
C ILE A 42 8.08 8.80 -2.69
N VAL A 43 7.82 9.48 -3.82
CA VAL A 43 6.48 9.62 -4.43
C VAL A 43 6.45 8.88 -5.78
N GLY A 44 5.44 8.02 -5.99
CA GLY A 44 5.36 7.26 -7.22
C GLY A 44 5.19 8.03 -8.53
N ARG A 45 5.16 7.29 -9.64
CA ARG A 45 4.97 7.83 -10.98
C ARG A 45 3.83 7.10 -11.68
N ALA A 46 3.08 7.82 -12.51
CA ALA A 46 1.98 7.24 -13.27
C ALA A 46 2.42 6.83 -14.67
N GLU A 47 3.55 7.38 -15.10
CA GLU A 47 4.10 7.13 -16.44
C GLU A 47 4.21 5.69 -16.92
N ASN A 48 3.70 5.44 -18.12
CA ASN A 48 3.77 4.14 -18.80
C ASN A 48 3.15 2.97 -18.05
N ALA A 49 2.20 3.29 -17.20
CA ALA A 49 1.50 2.30 -16.43
C ALA A 49 0.83 1.34 -17.42
N CYS A 50 0.95 0.04 -17.17
CA CYS A 50 0.35 -0.98 -18.03
C CYS A 50 -0.71 -1.77 -17.32
N VAL A 51 -1.80 -2.05 -18.03
CA VAL A 51 -2.87 -2.86 -17.49
C VAL A 51 -2.28 -4.26 -17.38
N PRO A 52 -2.35 -4.88 -16.20
CA PRO A 52 -1.80 -6.22 -16.04
C PRO A 52 -2.60 -7.31 -16.77
N PRO A 53 -1.91 -8.34 -17.30
CA PRO A 53 -2.64 -9.41 -17.98
C PRO A 53 -3.67 -9.94 -16.98
N PHE A 54 -4.83 -10.34 -17.46
CA PHE A 54 -5.87 -10.83 -16.56
C PHE A 54 -5.63 -12.26 -16.10
N THR A 55 -4.78 -12.42 -15.10
CA THR A 55 -4.47 -13.73 -14.55
C THR A 55 -5.24 -13.90 -13.24
N ILE A 56 -5.27 -15.12 -12.70
CA ILE A 56 -5.99 -15.43 -11.48
C ILE A 56 -5.75 -14.47 -10.29
N GLU A 57 -4.49 -14.15 -9.99
CA GLU A 57 -4.23 -13.25 -8.86
C GLU A 57 -4.73 -11.83 -9.10
N VAL A 58 -4.78 -11.39 -10.36
CA VAL A 58 -5.31 -10.07 -10.68
C VAL A 58 -6.83 -10.11 -10.45
N LYS A 59 -7.47 -11.17 -10.93
CA LYS A 59 -8.91 -11.35 -10.76
C LYS A 59 -9.32 -11.39 -9.30
N ALA A 60 -8.49 -12.00 -8.47
CA ALA A 60 -8.79 -12.12 -7.06
C ALA A 60 -8.58 -10.84 -6.30
N ASN A 61 -7.98 -9.84 -6.94
CA ASN A 61 -7.72 -8.57 -6.25
C ASN A 61 -8.44 -7.37 -6.84
N THR A 62 -9.44 -7.62 -7.69
CA THR A 62 -10.17 -6.53 -8.34
C THR A 62 -11.70 -6.78 -8.33
N TYR A 63 -12.47 -5.71 -8.55
CA TYR A 63 -13.93 -5.81 -8.56
C TYR A 63 -14.46 -6.30 -9.89
N GLU A 64 -15.47 -7.16 -9.84
CA GLU A 64 -16.11 -7.75 -11.01
C GLU A 64 -16.37 -6.76 -12.11
N LYS A 65 -16.74 -5.55 -11.72
CA LYS A 65 -17.05 -4.49 -12.66
C LYS A 65 -15.93 -4.24 -13.68
N TYR A 66 -14.69 -4.47 -13.28
CA TYR A 66 -13.55 -4.23 -14.17
C TYR A 66 -12.93 -5.43 -14.81
N TRP A 67 -13.34 -6.63 -14.41
CA TRP A 67 -12.77 -7.85 -15.00
C TRP A 67 -12.72 -7.77 -16.52
N PRO A 68 -13.81 -7.34 -17.18
CA PRO A 68 -13.77 -7.25 -18.65
C PRO A 68 -12.81 -6.19 -19.19
N PHE A 69 -12.47 -5.20 -18.37
CA PHE A 69 -11.53 -4.15 -18.76
C PHE A 69 -10.15 -4.80 -18.84
N TYR A 70 -9.82 -5.57 -17.81
CA TYR A 70 -8.55 -6.27 -17.74
C TYR A 70 -8.47 -7.30 -18.84
N GLN A 71 -9.57 -8.00 -19.06
CA GLN A 71 -9.63 -9.02 -20.12
C GLN A 71 -9.29 -8.45 -21.50
N LYS A 72 -9.76 -7.24 -21.75
CA LYS A 72 -9.54 -6.61 -23.05
C LYS A 72 -8.27 -5.77 -23.13
N GLN A 73 -8.02 -4.95 -22.13
CA GLN A 73 -6.87 -4.07 -22.12
C GLN A 73 -5.55 -4.68 -21.65
N GLY A 74 -5.60 -5.88 -21.10
CA GLY A 74 -4.40 -6.54 -20.59
C GLY A 74 -3.15 -6.43 -21.46
N GLY A 75 -2.08 -5.87 -20.91
CA GLY A 75 -0.87 -5.75 -21.69
C GLY A 75 -0.73 -4.43 -22.41
N HIS A 76 -1.78 -3.62 -22.43
CA HIS A 76 -1.76 -2.29 -23.07
C HIS A 76 -1.60 -1.25 -21.96
N TYR A 77 -1.26 -0.02 -22.32
CA TYR A 77 -1.14 1.04 -21.32
C TYR A 77 -2.51 1.41 -20.79
N PHE A 78 -2.57 1.94 -19.58
CA PHE A 78 -3.84 2.40 -19.04
C PHE A 78 -4.19 3.61 -19.94
N PRO A 79 -5.47 3.99 -20.01
CA PRO A 79 -5.90 5.13 -20.84
C PRO A 79 -4.97 6.34 -20.69
N LYS A 80 -4.33 6.73 -21.78
CA LYS A 80 -3.40 7.84 -21.72
C LYS A 80 -3.89 9.24 -21.33
N ASP A 81 -5.15 9.55 -21.63
CA ASP A 81 -5.71 10.85 -21.26
C ASP A 81 -5.86 10.85 -19.73
N HIS A 82 -6.19 9.68 -19.18
CA HIS A 82 -6.35 9.52 -17.74
C HIS A 82 -5.00 9.61 -17.03
N LEU A 83 -3.98 8.98 -17.61
CA LEU A 83 -2.65 8.98 -17.03
C LEU A 83 -2.12 10.39 -16.96
N LYS A 84 -2.34 11.15 -18.02
CA LYS A 84 -1.88 12.53 -18.10
C LYS A 84 -2.44 13.35 -16.94
N LYS A 85 -3.72 13.18 -16.66
CA LYS A 85 -4.35 13.91 -15.56
C LYS A 85 -3.73 13.51 -14.21
N ALA A 86 -3.41 12.23 -14.07
CA ALA A 86 -2.78 11.69 -12.86
C ALA A 86 -1.38 12.30 -12.69
N VAL A 87 -0.62 12.41 -13.77
CA VAL A 87 0.71 13.01 -13.74
C VAL A 87 0.63 14.43 -13.18
N ALA A 88 -0.32 15.20 -13.71
CA ALA A 88 -0.53 16.59 -13.28
C ALA A 88 -0.84 16.64 -11.78
N GLU A 89 -1.76 15.79 -11.33
CA GLU A 89 -2.15 15.70 -9.91
C GLU A 89 -1.00 15.33 -8.98
N ILE A 90 -0.14 14.43 -9.42
CA ILE A 90 0.99 13.99 -8.59
C ILE A 90 2.11 15.03 -8.57
N GLU A 91 2.26 15.78 -9.66
CA GLU A 91 3.27 16.83 -9.72
C GLU A 91 2.90 17.93 -8.71
N GLU A 92 1.61 18.24 -8.61
CA GLU A 92 1.13 19.23 -7.67
C GLU A 92 1.35 18.76 -6.24
N MET A 93 1.04 17.49 -5.98
CA MET A 93 1.27 16.88 -4.67
C MET A 93 2.73 17.07 -4.28
N CYS A 94 3.65 16.76 -5.19
CA CYS A 94 5.08 16.93 -4.91
C CYS A 94 5.40 18.37 -4.62
N ASN A 95 4.76 19.29 -5.35
CA ASN A 95 4.99 20.72 -5.12
C ASN A 95 4.57 21.06 -3.70
N ILE A 96 3.40 20.58 -3.29
CA ILE A 96 2.93 20.86 -1.95
C ILE A 96 3.84 20.23 -0.87
N LEU A 97 4.33 19.03 -1.11
CA LEU A 97 5.23 18.41 -0.13
C LEU A 97 6.49 19.26 0.07
N LYS A 98 7.05 19.73 -1.02
CA LYS A 98 8.26 20.55 -0.93
C LYS A 98 7.92 21.81 -0.17
N THR A 99 6.71 22.30 -0.36
CA THR A 99 6.24 23.48 0.35
C THR A 99 6.14 23.17 1.84
N GLU A 100 5.68 21.98 2.17
CA GLU A 100 5.60 21.58 3.57
C GLU A 100 6.95 21.20 4.18
N GLY A 101 8.04 21.43 3.45
CA GLY A 101 9.37 21.12 3.94
C GLY A 101 9.86 19.68 3.77
N VAL A 102 9.18 18.89 2.94
CA VAL A 102 9.55 17.50 2.72
C VAL A 102 10.41 17.32 1.46
N THR A 103 11.50 16.57 1.56
CA THR A 103 12.35 16.26 0.42
C THR A 103 11.68 15.11 -0.34
N VAL A 104 11.48 15.29 -1.63
CA VAL A 104 10.81 14.29 -2.46
C VAL A 104 11.77 13.63 -3.45
N ARG A 105 11.73 12.28 -3.51
CA ARG A 105 12.54 11.49 -4.45
C ARG A 105 11.50 10.79 -5.31
N ARG A 106 11.79 10.60 -6.59
CA ARG A 106 10.84 9.96 -7.49
C ARG A 106 11.53 8.78 -8.14
N PRO A 107 10.79 7.70 -8.42
CA PRO A 107 11.41 6.55 -9.07
C PRO A 107 11.78 6.88 -10.52
N ASP A 108 12.60 6.05 -11.14
CA ASP A 108 13.03 6.27 -12.53
C ASP A 108 11.91 5.95 -13.49
N PRO A 109 11.87 6.66 -14.64
CA PRO A 109 10.83 6.41 -15.64
C PRO A 109 11.20 5.11 -16.35
N ILE A 110 10.20 4.29 -16.62
CA ILE A 110 10.46 3.00 -17.22
C ILE A 110 9.23 2.63 -18.03
N ASP A 111 9.44 1.92 -19.13
CA ASP A 111 8.32 1.47 -19.91
C ASP A 111 7.90 0.11 -19.36
N TRP A 112 6.74 0.08 -18.71
CA TRP A 112 6.23 -1.14 -18.10
C TRP A 112 5.61 -2.15 -19.04
N SER A 113 5.59 -1.83 -20.33
CA SER A 113 4.99 -2.72 -21.33
C SER A 113 5.91 -3.85 -21.79
N LEU A 114 7.20 -3.75 -21.47
CA LEU A 114 8.19 -4.77 -21.83
C LEU A 114 7.79 -6.12 -21.27
N LYS A 115 7.82 -7.14 -22.10
CA LYS A 115 7.46 -8.48 -21.69
C LYS A 115 8.73 -9.11 -21.22
N TYR A 116 8.70 -9.73 -20.04
CA TYR A 116 9.89 -10.40 -19.54
C TYR A 116 9.52 -11.86 -19.36
N LYS A 117 10.52 -12.69 -19.09
CA LYS A 117 10.30 -14.11 -18.97
C LYS A 117 11.26 -14.77 -18.01
N THR A 118 10.74 -15.35 -16.94
CA THR A 118 11.60 -16.05 -16.00
C THR A 118 11.42 -17.54 -16.37
N PRO A 119 12.19 -18.46 -15.73
CA PRO A 119 12.00 -19.87 -16.08
C PRO A 119 10.64 -20.40 -15.67
N ASP A 120 9.92 -19.62 -14.87
CA ASP A 120 8.61 -19.99 -14.36
C ASP A 120 7.38 -19.42 -15.05
N PHE A 121 7.52 -18.24 -15.64
CA PHE A 121 6.39 -17.58 -16.29
C PHE A 121 6.90 -16.46 -17.18
N GLU A 122 5.96 -15.82 -17.84
CA GLU A 122 6.22 -14.73 -18.76
C GLU A 122 5.16 -13.67 -18.43
N SER A 123 5.49 -12.39 -18.58
CA SER A 123 4.51 -11.36 -18.30
C SER A 123 4.99 -9.98 -18.69
N THR A 124 4.05 -9.03 -18.68
CA THR A 124 4.37 -7.62 -18.92
C THR A 124 4.27 -6.97 -17.52
N GLY A 125 4.76 -5.74 -17.38
CA GLY A 125 4.74 -5.09 -16.09
C GLY A 125 3.50 -4.28 -15.76
N LEU A 126 3.53 -3.61 -14.60
CA LEU A 126 2.43 -2.79 -14.13
C LEU A 126 2.85 -1.32 -14.11
N TYR A 127 3.52 -0.89 -13.04
CA TYR A 127 3.97 0.51 -12.90
C TYR A 127 4.84 0.69 -11.67
N SER A 128 5.18 1.94 -11.37
CA SER A 128 5.92 2.22 -10.15
C SER A 128 5.16 3.36 -9.50
N ALA A 129 3.84 3.26 -9.54
CA ALA A 129 2.96 4.26 -8.98
C ALA A 129 2.90 4.20 -7.46
N MET A 130 2.94 3.00 -6.89
CA MET A 130 2.79 2.85 -5.46
C MET A 130 4.04 2.42 -4.68
N PRO A 131 4.84 3.37 -4.20
CA PRO A 131 6.03 2.97 -3.45
C PRO A 131 5.69 2.14 -2.20
N ARG A 132 4.54 2.40 -1.59
CA ARG A 132 4.11 1.72 -0.36
C ARG A 132 3.90 0.23 -0.56
N ASP A 133 3.61 -0.17 -1.79
CA ASP A 133 3.36 -1.56 -2.09
C ASP A 133 4.63 -2.40 -2.05
N ILE A 134 5.76 -1.77 -2.36
CA ILE A 134 7.00 -2.49 -2.46
C ILE A 134 8.09 -2.15 -1.44
N LEU A 135 8.09 -0.93 -0.92
CA LEU A 135 9.11 -0.54 0.07
C LEU A 135 8.51 -0.24 1.41
N ILE A 136 9.19 -0.69 2.45
CA ILE A 136 8.79 -0.41 3.81
C ILE A 136 10.09 -0.07 4.54
N VAL A 137 10.04 0.98 5.35
CA VAL A 137 11.18 1.44 6.14
C VAL A 137 10.94 1.09 7.61
N VAL A 138 11.89 0.36 8.20
CA VAL A 138 11.78 -0.01 9.60
C VAL A 138 13.12 0.46 10.18
N GLY A 139 13.09 1.57 10.89
CA GLY A 139 14.34 2.10 11.45
C GLY A 139 15.17 2.64 10.31
N ASN A 140 16.45 2.29 10.29
CA ASN A 140 17.36 2.75 9.25
C ASN A 140 17.46 1.73 8.13
N GLU A 141 16.49 0.84 8.09
CA GLU A 141 16.48 -0.23 7.10
C GLU A 141 15.36 -0.15 6.09
N ILE A 142 15.73 -0.20 4.82
CA ILE A 142 14.75 -0.16 3.76
C ILE A 142 14.65 -1.60 3.24
N ILE A 143 13.42 -2.10 3.20
CA ILE A 143 13.09 -3.45 2.80
C ILE A 143 12.25 -3.51 1.52
N GLU A 144 12.70 -4.30 0.54
CA GLU A 144 11.96 -4.47 -0.70
C GLU A 144 11.12 -5.73 -0.57
N ALA A 145 9.80 -5.56 -0.68
CA ALA A 145 8.86 -6.65 -0.60
C ALA A 145 9.02 -7.54 -1.82
N PRO A 146 8.70 -8.83 -1.68
CA PRO A 146 8.83 -9.78 -2.78
C PRO A 146 7.79 -9.59 -3.87
N MET A 147 6.57 -9.23 -3.45
CA MET A 147 5.40 -9.06 -4.32
C MET A 147 4.78 -10.43 -4.53
N ALA A 148 3.59 -10.47 -5.11
CA ALA A 148 2.88 -11.72 -5.34
C ALA A 148 2.23 -11.76 -6.70
N TRP A 149 2.30 -10.65 -7.44
CA TRP A 149 1.72 -10.57 -8.78
C TRP A 149 2.84 -10.77 -9.77
N ARG A 150 2.58 -11.56 -10.81
CA ARG A 150 3.58 -11.81 -11.84
C ARG A 150 3.97 -10.54 -12.60
N SER A 151 3.02 -9.61 -12.75
CA SER A 151 3.29 -8.33 -13.45
C SER A 151 4.05 -7.30 -12.59
N ARG A 152 4.41 -7.68 -11.36
CA ARG A 152 5.13 -6.77 -10.48
C ARG A 152 6.45 -7.38 -10.08
N PHE A 153 6.86 -8.43 -10.78
CA PHE A 153 8.11 -9.11 -10.45
C PHE A 153 9.31 -8.21 -10.52
N PHE A 154 9.40 -7.44 -11.60
CA PHE A 154 10.55 -6.55 -11.77
C PHE A 154 10.30 -5.10 -11.41
N GLU A 155 9.31 -4.85 -10.56
CA GLU A 155 8.95 -3.48 -10.15
C GLU A 155 10.05 -2.76 -9.39
N TYR A 156 10.86 -3.51 -8.64
CA TYR A 156 11.96 -2.93 -7.86
C TYR A 156 12.97 -2.14 -8.70
N ARG A 157 13.05 -2.44 -10.00
CA ARG A 157 13.97 -1.77 -10.89
C ARG A 157 13.82 -0.26 -10.94
N ALA A 158 12.62 0.24 -10.74
CA ALA A 158 12.38 1.69 -10.78
C ALA A 158 12.95 2.39 -9.55
N TYR A 159 13.13 1.65 -8.47
CA TYR A 159 13.61 2.22 -7.21
C TYR A 159 15.08 2.04 -6.85
N ARG A 160 15.82 1.26 -7.64
CA ARG A 160 17.23 0.99 -7.34
C ARG A 160 18.18 2.17 -7.28
N SER A 161 17.93 3.21 -8.08
CA SER A 161 18.81 4.39 -8.06
C SER A 161 18.71 5.12 -6.72
N ILE A 162 17.49 5.23 -6.21
CA ILE A 162 17.29 5.90 -4.93
C ILE A 162 17.87 5.05 -3.81
N ILE A 163 17.54 3.76 -3.80
CA ILE A 163 18.02 2.87 -2.76
C ILE A 163 19.54 2.78 -2.71
N LYS A 164 20.21 2.70 -3.85
CA LYS A 164 21.68 2.63 -3.84
C LYS A 164 22.28 3.91 -3.24
N ASP A 165 21.63 5.03 -3.49
CA ASP A 165 22.08 6.29 -2.95
C ASP A 165 21.97 6.25 -1.42
N TYR A 166 20.85 5.79 -0.90
CA TYR A 166 20.70 5.72 0.54
C TYR A 166 21.70 4.76 1.14
N PHE A 167 21.95 3.66 0.44
CA PHE A 167 22.92 2.64 0.87
C PHE A 167 24.30 3.26 0.97
N HIS A 168 24.72 3.96 -0.07
CA HIS A 168 26.02 4.64 -0.07
C HIS A 168 26.08 5.60 1.10
N ARG A 169 24.95 6.23 1.41
CA ARG A 169 24.89 7.20 2.51
C ARG A 169 24.71 6.56 3.87
N GLY A 170 24.79 5.24 3.95
CA GLY A 170 24.70 4.59 5.23
C GLY A 170 23.50 3.76 5.63
N ALA A 171 22.44 3.77 4.83
CA ALA A 171 21.26 3.02 5.19
C ALA A 171 21.42 1.49 5.01
N LYS A 172 20.66 0.70 5.77
CA LYS A 172 20.68 -0.75 5.64
C LYS A 172 19.69 -1.08 4.54
N TRP A 173 20.03 -2.05 3.70
CA TRP A 173 19.21 -2.43 2.54
C TRP A 173 18.92 -3.91 2.53
N THR A 174 17.64 -4.25 2.44
CA THR A 174 17.20 -5.64 2.47
C THR A 174 16.21 -5.93 1.39
N THR A 175 16.36 -7.11 0.80
CA THR A 175 15.43 -7.61 -0.22
C THR A 175 14.94 -8.96 0.30
N ALA A 176 13.65 -9.02 0.64
CA ALA A 176 13.04 -10.25 1.09
C ALA A 176 13.13 -11.22 -0.08
N PRO A 177 13.15 -12.54 0.18
CA PRO A 177 13.24 -13.55 -0.88
C PRO A 177 12.22 -13.43 -2.01
N LYS A 178 12.73 -13.19 -3.20
CA LYS A 178 11.90 -13.06 -4.38
C LYS A 178 11.31 -14.43 -4.76
N PRO A 179 9.95 -14.55 -4.81
CA PRO A 179 9.29 -15.81 -5.15
C PRO A 179 9.59 -16.23 -6.58
N THR A 180 9.38 -17.51 -6.87
CA THR A 180 9.54 -18.00 -8.23
C THR A 180 8.24 -17.59 -8.96
N MET A 181 7.14 -17.51 -8.19
CA MET A 181 5.81 -17.19 -8.69
C MET A 181 5.36 -18.25 -9.69
N ALA A 182 5.79 -19.49 -9.44
CA ALA A 182 5.43 -20.62 -10.29
C ALA A 182 3.98 -20.90 -10.03
N ASP A 183 3.36 -21.72 -10.87
CA ASP A 183 1.94 -22.03 -10.73
C ASP A 183 1.52 -22.44 -9.34
N GLU A 184 2.42 -23.12 -8.63
CA GLU A 184 2.18 -23.63 -7.28
C GLU A 184 1.88 -22.57 -6.22
N LEU A 185 2.21 -21.33 -6.53
CA LEU A 185 1.94 -20.27 -5.57
C LEU A 185 0.48 -19.83 -5.65
N TYR A 186 -0.22 -20.20 -6.73
CA TYR A 186 -1.60 -19.79 -6.91
C TYR A 186 -2.59 -20.93 -7.03
N ASN A 187 -3.82 -20.69 -6.56
CA ASN A 187 -4.93 -21.62 -6.67
C ASN A 187 -5.62 -21.23 -7.96
N GLN A 188 -5.16 -21.80 -9.07
CA GLN A 188 -5.68 -21.50 -10.42
C GLN A 188 -7.19 -21.62 -10.57
N ASP A 189 -7.79 -22.37 -9.66
CA ASP A 189 -9.22 -22.62 -9.67
C ASP A 189 -9.94 -21.93 -8.51
N TYR A 190 -9.34 -20.87 -8.00
CA TYR A 190 -9.92 -20.13 -6.90
C TYR A 190 -11.33 -19.74 -7.36
N PRO A 191 -12.36 -20.27 -6.69
CA PRO A 191 -13.78 -20.06 -6.96
C PRO A 191 -14.35 -18.66 -6.71
N ILE A 192 -13.74 -17.66 -7.30
CA ILE A 192 -14.24 -16.32 -7.10
C ILE A 192 -15.03 -15.95 -8.34
N HIS A 193 -16.28 -15.54 -8.13
CA HIS A 193 -17.15 -15.14 -9.24
C HIS A 193 -17.75 -13.77 -8.96
N SER A 194 -17.65 -13.36 -7.70
CA SER A 194 -18.15 -12.08 -7.26
C SER A 194 -17.36 -11.74 -6.00
N VAL A 195 -17.40 -10.47 -5.61
CA VAL A 195 -16.70 -10.02 -4.42
C VAL A 195 -17.30 -10.66 -3.16
N GLU A 196 -18.52 -11.14 -3.26
CA GLU A 196 -19.16 -11.80 -2.12
C GLU A 196 -18.58 -13.19 -1.88
N ASP A 197 -18.17 -13.85 -2.96
CA ASP A 197 -17.57 -15.18 -2.88
C ASP A 197 -16.22 -15.06 -2.17
N ARG A 198 -15.40 -14.14 -2.67
CA ARG A 198 -14.06 -13.90 -2.14
C ARG A 198 -14.14 -13.65 -0.63
N HIS A 199 -15.08 -12.81 -0.21
CA HIS A 199 -15.25 -12.51 1.20
C HIS A 199 -15.53 -13.75 2.01
N LYS A 200 -16.26 -14.68 1.40
CA LYS A 200 -16.62 -15.93 2.08
C LYS A 200 -15.39 -16.82 2.20
N LEU A 201 -14.68 -16.99 1.08
CA LEU A 201 -13.46 -17.78 1.02
C LEU A 201 -12.43 -17.22 1.99
N ALA A 202 -12.25 -15.92 1.93
CA ALA A 202 -11.29 -15.23 2.78
C ALA A 202 -11.59 -15.60 4.21
N ALA A 203 -12.87 -15.58 4.55
CA ALA A 203 -13.32 -15.93 5.90
C ALA A 203 -13.02 -17.41 6.27
N GLN A 204 -12.94 -18.27 5.26
CA GLN A 204 -12.65 -19.69 5.45
C GLN A 204 -11.15 -19.95 5.48
N GLY A 205 -10.37 -18.90 5.22
CA GLY A 205 -8.92 -19.01 5.22
C GLY A 205 -8.38 -19.40 3.85
N LYS A 206 -9.20 -19.15 2.83
CA LYS A 206 -8.86 -19.50 1.46
C LYS A 206 -8.57 -18.25 0.65
N PHE A 207 -7.33 -18.19 0.14
CA PHE A 207 -6.85 -17.07 -0.67
C PHE A 207 -6.30 -17.57 -1.97
N VAL A 208 -6.09 -16.66 -2.93
CA VAL A 208 -5.57 -17.06 -4.22
C VAL A 208 -4.12 -17.55 -4.13
N THR A 209 -3.38 -17.09 -3.11
CA THR A 209 -2.00 -17.50 -2.95
C THR A 209 -1.93 -18.58 -1.90
N THR A 210 -1.17 -19.62 -2.21
CA THR A 210 -0.96 -20.75 -1.34
C THR A 210 0.22 -20.37 -0.45
N GLU A 211 0.69 -21.36 0.30
CA GLU A 211 1.83 -21.21 1.17
C GLU A 211 3.03 -21.92 0.54
N PHE A 212 3.05 -22.00 -0.79
CA PHE A 212 4.16 -22.65 -1.50
C PHE A 212 5.52 -22.02 -1.19
N GLU A 213 5.56 -20.69 -1.16
CA GLU A 213 6.79 -19.94 -0.89
C GLU A 213 6.39 -18.57 -0.31
N PRO A 214 7.30 -17.90 0.42
CA PRO A 214 6.92 -16.59 0.98
C PRO A 214 6.57 -15.55 -0.09
N CYS A 215 5.60 -14.70 0.21
CA CYS A 215 5.21 -13.63 -0.71
C CYS A 215 4.46 -12.59 0.08
N PHE A 216 4.60 -11.34 -0.31
CA PHE A 216 3.88 -10.27 0.35
C PHE A 216 4.06 -8.91 -0.29
N ASP A 217 3.15 -7.99 0.02
CA ASP A 217 3.24 -6.61 -0.44
C ASP A 217 3.53 -5.87 0.84
N ALA A 218 4.40 -4.87 0.79
CA ALA A 218 4.72 -4.14 2.00
C ALA A 218 3.51 -3.37 2.57
N ALA A 219 2.53 -3.07 1.71
CA ALA A 219 1.35 -2.33 2.13
C ALA A 219 0.39 -3.11 3.02
N ASP A 220 0.72 -4.36 3.33
CA ASP A 220 -0.12 -5.19 4.22
C ASP A 220 0.42 -5.08 5.62
N PHE A 221 1.49 -4.30 5.76
CA PHE A 221 2.15 -4.06 7.05
C PHE A 221 1.97 -2.57 7.37
N ILE A 222 1.72 -2.25 8.64
CA ILE A 222 1.55 -0.86 9.10
C ILE A 222 2.34 -0.72 10.41
N ARG A 223 3.10 0.37 10.51
CA ARG A 223 3.98 0.58 11.64
C ARG A 223 3.57 1.50 12.78
N ALA A 224 3.86 1.04 14.00
CA ALA A 224 3.61 1.75 15.24
C ALA A 224 4.80 1.50 16.19
N GLY A 225 5.99 1.95 15.80
CA GLY A 225 7.16 1.77 16.65
C GLY A 225 7.63 0.33 16.75
N ARG A 226 7.67 -0.22 17.96
CA ARG A 226 8.11 -1.61 18.16
C ARG A 226 7.11 -2.65 17.73
N ASP A 227 5.90 -2.21 17.40
CA ASP A 227 4.87 -3.14 16.99
C ASP A 227 4.45 -2.82 15.56
N ILE A 228 4.37 -3.87 14.75
CA ILE A 228 4.00 -3.75 13.34
C ILE A 228 2.83 -4.69 13.15
N PHE A 229 1.81 -4.23 12.43
CA PHE A 229 0.64 -5.05 12.23
C PHE A 229 0.50 -5.47 10.78
N ALA A 230 0.20 -6.75 10.57
CA ALA A 230 0.08 -7.32 9.24
C ALA A 230 -1.21 -8.13 9.13
N GLN A 231 -1.67 -8.32 7.91
CA GLN A 231 -2.86 -9.10 7.66
C GLN A 231 -2.51 -10.11 6.57
N ARG A 232 -3.03 -11.33 6.69
CA ARG A 232 -2.82 -12.34 5.66
C ARG A 232 -3.85 -11.90 4.63
N SER A 233 -3.42 -11.64 3.41
CA SER A 233 -4.35 -11.20 2.38
C SER A 233 -4.19 -12.05 1.11
N GLN A 234 -4.77 -11.60 0.01
CA GLN A 234 -4.66 -12.33 -1.24
C GLN A 234 -3.22 -12.35 -1.74
N VAL A 235 -2.43 -11.33 -1.38
CA VAL A 235 -1.05 -11.22 -1.85
C VAL A 235 0.03 -11.46 -0.78
N THR A 236 -0.37 -11.51 0.48
CA THR A 236 0.55 -11.71 1.62
C THR A 236 0.15 -12.98 2.37
N ASN A 237 1.01 -14.00 2.33
CA ASN A 237 0.71 -15.26 3.03
C ASN A 237 1.40 -15.39 4.37
N TYR A 238 1.08 -16.44 5.11
CA TYR A 238 1.69 -16.65 6.43
C TYR A 238 3.19 -16.87 6.37
N LEU A 239 3.67 -17.43 5.28
CA LEU A 239 5.10 -17.64 5.15
C LEU A 239 5.78 -16.29 5.00
N GLY A 240 5.14 -15.36 4.28
CA GLY A 240 5.67 -14.04 4.07
C GLY A 240 5.72 -13.24 5.36
N ILE A 241 4.64 -13.29 6.14
CA ILE A 241 4.56 -12.59 7.43
C ILE A 241 5.59 -13.15 8.43
N GLU A 242 5.74 -14.47 8.43
CA GLU A 242 6.70 -15.16 9.28
C GLU A 242 8.13 -14.73 8.93
N TRP A 243 8.38 -14.54 7.64
CA TRP A 243 9.68 -14.08 7.19
C TRP A 243 9.97 -12.73 7.82
N MET A 244 9.02 -11.80 7.72
CA MET A 244 9.16 -10.45 8.30
C MET A 244 9.34 -10.54 9.78
N ARG A 245 8.53 -11.39 10.39
CA ARG A 245 8.57 -11.61 11.84
C ARG A 245 9.95 -12.10 12.30
N ARG A 246 10.46 -13.12 11.61
CA ARG A 246 11.75 -13.69 11.94
C ARG A 246 12.90 -12.73 11.64
N HIS A 247 12.78 -11.99 10.55
CA HIS A 247 13.79 -11.05 10.16
C HIS A 247 13.91 -9.84 11.07
N LEU A 248 12.80 -9.37 11.63
CA LEU A 248 12.83 -8.18 12.51
C LEU A 248 12.98 -8.41 14.01
N ALA A 249 12.71 -9.64 14.45
CA ALA A 249 12.86 -10.01 15.84
C ALA A 249 14.31 -9.82 16.23
N PRO A 250 14.62 -9.45 17.49
CA PRO A 250 13.66 -9.22 18.62
C PRO A 250 13.22 -7.76 18.81
N ASP A 251 13.87 -6.83 18.12
CA ASP A 251 13.55 -5.41 18.26
C ASP A 251 12.14 -5.02 17.91
N TYR A 252 11.57 -5.69 16.91
CA TYR A 252 10.23 -5.39 16.49
C TYR A 252 9.39 -6.63 16.61
N ARG A 253 8.10 -6.43 16.86
CA ARG A 253 7.15 -7.52 16.98
C ARG A 253 6.16 -7.32 15.85
N VAL A 254 5.91 -8.38 15.08
CA VAL A 254 4.97 -8.37 13.97
C VAL A 254 3.73 -9.12 14.40
N HIS A 255 2.58 -8.45 14.44
CA HIS A 255 1.31 -9.05 14.87
C HIS A 255 0.42 -9.24 13.66
N ILE A 256 -0.37 -10.31 13.68
CA ILE A 256 -1.29 -10.58 12.58
C ILE A 256 -2.68 -10.22 13.06
N ILE A 257 -3.36 -9.36 12.32
CA ILE A 257 -4.71 -8.97 12.67
C ILE A 257 -5.56 -9.28 11.44
N SER A 258 -6.85 -9.44 11.67
CA SER A 258 -7.78 -9.76 10.59
C SER A 258 -8.98 -8.87 10.69
N PHE A 259 -9.75 -8.82 9.61
CA PHE A 259 -10.91 -7.94 9.51
C PHE A 259 -12.08 -8.61 8.85
N LYS A 260 -13.26 -8.03 9.02
CA LYS A 260 -14.45 -8.55 8.36
C LYS A 260 -14.46 -7.95 6.96
N ASP A 261 -14.82 -8.75 5.96
CA ASP A 261 -14.88 -8.30 4.56
C ASP A 261 -13.69 -7.41 4.20
N PRO A 262 -12.48 -7.98 4.31
CA PRO A 262 -11.25 -7.26 4.02
C PRO A 262 -11.07 -6.92 2.56
N ASN A 263 -10.20 -5.95 2.30
CA ASN A 263 -9.90 -5.60 0.93
C ASN A 263 -8.96 -6.74 0.52
N PRO A 264 -9.05 -7.18 -0.75
CA PRO A 264 -8.18 -8.28 -1.19
C PRO A 264 -6.69 -8.07 -0.93
N MET A 265 -6.24 -6.82 -0.92
CA MET A 265 -4.85 -6.54 -0.67
C MET A 265 -4.64 -5.18 -0.02
N HIS A 266 -3.69 -5.14 0.90
CA HIS A 266 -3.30 -3.93 1.59
C HIS A 266 -4.19 -3.56 2.75
N ILE A 267 -3.55 -3.04 3.80
CA ILE A 267 -4.21 -2.71 5.05
C ILE A 267 -4.48 -1.22 5.30
N ASP A 268 -3.79 -0.35 4.57
CA ASP A 268 -3.88 1.10 4.76
C ASP A 268 -5.16 1.88 4.42
N ALA A 269 -6.23 1.18 4.02
CA ALA A 269 -7.54 1.78 3.77
C ALA A 269 -8.52 0.91 4.55
N THR A 270 -8.02 0.32 5.64
CA THR A 270 -8.81 -0.56 6.49
C THR A 270 -8.49 -0.24 7.95
N PHE A 271 -7.21 0.01 8.23
CA PHE A 271 -6.77 0.26 9.58
C PHE A 271 -5.53 1.12 9.37
N ASN A 272 -5.74 2.44 9.27
CA ASN A 272 -4.64 3.38 9.07
C ASN A 272 -4.29 4.03 10.42
N ILE A 273 -3.10 3.75 10.94
CA ILE A 273 -2.68 4.31 12.22
C ILE A 273 -2.18 5.72 11.97
N ILE A 274 -2.79 6.71 12.62
CA ILE A 274 -2.43 8.11 12.38
C ILE A 274 -1.73 8.87 13.49
N GLY A 275 -1.44 8.18 14.59
CA GLY A 275 -0.75 8.82 15.69
C GLY A 275 -0.55 7.80 16.76
N PRO A 276 0.14 8.13 17.85
CA PRO A 276 0.42 7.24 18.98
C PRO A 276 -0.85 6.83 19.67
N GLY A 277 -1.33 5.62 19.42
CA GLY A 277 -2.54 5.21 20.06
C GLY A 277 -3.80 5.63 19.34
N ILE A 278 -3.68 6.09 18.11
CA ILE A 278 -4.87 6.52 17.35
C ILE A 278 -4.90 5.87 16.02
N VAL A 279 -6.04 5.29 15.69
CA VAL A 279 -6.16 4.61 14.42
C VAL A 279 -7.53 4.85 13.77
N LEU A 280 -7.51 4.86 12.44
CA LEU A 280 -8.72 4.99 11.62
C LEU A 280 -9.15 3.56 11.24
N SER A 281 -10.33 3.17 11.70
CA SER A 281 -10.87 1.86 11.42
C SER A 281 -12.03 1.97 10.45
N ASN A 282 -11.87 1.34 9.29
CA ASN A 282 -12.87 1.33 8.25
C ASN A 282 -14.14 0.71 8.82
N PRO A 283 -15.24 1.48 8.85
CA PRO A 283 -16.53 1.00 9.36
C PRO A 283 -17.05 -0.29 8.70
N ASP A 284 -16.68 -0.54 7.45
CA ASP A 284 -17.14 -1.75 6.75
C ASP A 284 -16.25 -2.99 7.00
N ARG A 285 -15.07 -2.79 7.56
CA ARG A 285 -14.10 -3.87 7.79
C ARG A 285 -13.61 -3.87 9.22
N PRO A 286 -14.50 -4.20 10.17
CA PRO A 286 -14.10 -4.22 11.58
C PRO A 286 -13.03 -5.26 11.89
N CYS A 287 -12.09 -4.86 12.74
CA CYS A 287 -10.98 -5.71 13.14
C CYS A 287 -11.38 -6.74 14.20
N HIS A 288 -11.14 -8.02 13.91
CA HIS A 288 -11.48 -9.10 14.83
C HIS A 288 -10.79 -8.95 16.17
N GLN A 289 -9.62 -8.30 16.16
CA GLN A 289 -8.83 -8.11 17.37
C GLN A 289 -8.93 -6.69 17.91
N ILE A 290 -10.03 -6.00 17.66
CA ILE A 290 -10.14 -4.61 18.13
C ILE A 290 -9.95 -4.46 19.64
N ASP A 291 -10.39 -5.44 20.41
CA ASP A 291 -10.24 -5.38 21.86
C ASP A 291 -8.80 -5.36 22.38
N LEU A 292 -7.85 -5.85 21.58
CA LEU A 292 -6.45 -5.79 21.98
C LEU A 292 -6.08 -4.30 22.04
N PHE A 293 -6.62 -3.55 21.10
CA PHE A 293 -6.37 -2.11 21.01
C PHE A 293 -7.12 -1.31 22.05
N LYS A 294 -8.37 -1.68 22.30
CA LYS A 294 -9.17 -1.01 23.33
C LYS A 294 -8.53 -1.19 24.68
N LYS A 295 -7.99 -2.38 24.91
CA LYS A 295 -7.30 -2.70 26.15
C LYS A 295 -6.02 -1.88 26.34
N ALA A 296 -5.37 -1.48 25.24
CA ALA A 296 -4.14 -0.68 25.27
C ALA A 296 -4.47 0.82 25.44
N GLY A 297 -5.75 1.15 25.43
CA GLY A 297 -6.16 2.52 25.59
C GLY A 297 -6.05 3.30 24.30
N TRP A 298 -6.21 2.62 23.18
CA TRP A 298 -6.13 3.26 21.87
C TRP A 298 -7.49 3.83 21.49
N THR A 299 -7.45 4.98 20.82
CA THR A 299 -8.63 5.68 20.33
C THR A 299 -8.93 5.17 18.93
N ILE A 300 -10.04 4.48 18.76
CA ILE A 300 -10.41 3.98 17.46
C ILE A 300 -11.45 4.92 16.84
N ILE A 301 -11.05 5.57 15.73
CA ILE A 301 -11.90 6.51 15.02
C ILE A 301 -12.45 5.87 13.77
N THR A 302 -13.77 5.91 13.58
CA THR A 302 -14.33 5.37 12.36
C THR A 302 -14.68 6.57 11.45
N PRO A 303 -13.98 6.70 10.34
CA PRO A 303 -14.22 7.81 9.40
C PRO A 303 -15.57 7.77 8.71
N PRO A 304 -16.04 8.94 8.23
CA PRO A 304 -17.32 9.02 7.53
C PRO A 304 -17.14 8.35 6.16
N THR A 305 -18.24 8.01 5.51
CA THR A 305 -18.15 7.37 4.20
C THR A 305 -17.60 8.24 3.08
N PRO A 306 -16.96 7.61 2.09
CA PRO A 306 -16.39 8.34 0.96
C PRO A 306 -17.49 8.95 0.11
N ILE A 307 -17.19 10.05 -0.56
CA ILE A 307 -18.17 10.69 -1.42
C ILE A 307 -17.83 10.57 -2.91
N ILE A 308 -16.76 9.86 -3.24
CA ILE A 308 -16.33 9.68 -4.62
C ILE A 308 -17.45 9.05 -5.47
N PRO A 309 -17.72 9.62 -6.65
CA PRO A 309 -18.76 9.17 -7.57
C PRO A 309 -18.53 7.74 -8.02
N ASP A 310 -19.62 6.98 -8.08
CA ASP A 310 -19.59 5.58 -8.50
C ASP A 310 -19.29 5.40 -9.98
N ASP A 311 -19.32 6.49 -10.72
CA ASP A 311 -19.03 6.43 -12.13
C ASP A 311 -17.52 6.59 -12.35
N HIS A 312 -16.81 7.13 -11.35
CA HIS A 312 -15.39 7.33 -11.50
C HIS A 312 -14.65 5.99 -11.45
N PRO A 313 -13.81 5.69 -12.44
CA PRO A 313 -13.09 4.42 -12.45
C PRO A 313 -12.02 4.23 -11.38
N LEU A 314 -12.15 3.12 -10.66
CA LEU A 314 -11.19 2.74 -9.63
C LEU A 314 -10.77 1.31 -10.05
N TRP A 315 -9.88 1.22 -11.03
CA TRP A 315 -9.42 -0.05 -11.59
C TRP A 315 -8.93 -1.04 -10.55
N MET A 316 -8.23 -0.51 -9.58
CA MET A 316 -7.76 -1.32 -8.47
C MET A 316 -8.28 -0.52 -7.29
N SER A 317 -8.48 -1.17 -6.15
CA SER A 317 -8.97 -0.49 -4.95
C SER A 317 -10.47 -0.36 -4.77
N SER A 318 -10.86 -0.04 -3.54
CA SER A 318 -12.25 0.19 -3.24
C SER A 318 -12.41 1.72 -3.16
N LYS A 319 -13.56 2.20 -2.72
CA LYS A 319 -13.80 3.65 -2.66
C LYS A 319 -13.20 4.27 -1.40
N TRP A 320 -12.72 3.44 -0.50
CA TRP A 320 -12.15 3.88 0.77
C TRP A 320 -10.79 4.55 0.76
N LEU A 321 -10.33 4.96 -0.42
CA LEU A 321 -9.05 5.64 -0.54
C LEU A 321 -9.08 6.93 0.26
N SER A 322 -10.28 7.39 0.57
CA SER A 322 -10.45 8.62 1.34
C SER A 322 -9.73 8.57 2.69
N MET A 323 -9.67 7.39 3.30
CA MET A 323 -9.00 7.24 4.60
C MET A 323 -7.54 6.77 4.48
N ASN A 324 -7.06 6.72 3.25
CA ASN A 324 -5.69 6.31 2.95
C ASN A 324 -4.79 7.58 3.02
N VAL A 325 -4.93 8.32 4.12
CA VAL A 325 -4.20 9.55 4.34
C VAL A 325 -2.74 9.33 4.69
N LEU A 326 -1.96 10.40 4.55
CA LEU A 326 -0.54 10.41 4.88
C LEU A 326 -0.37 11.53 5.93
N MET A 327 0.25 11.24 7.07
CA MET A 327 0.45 12.23 8.10
C MET A 327 1.81 12.91 7.94
N LEU A 328 1.81 14.23 7.88
CA LEU A 328 3.06 14.99 7.74
C LEU A 328 3.67 15.06 9.14
N ASP A 329 2.79 14.96 10.13
CA ASP A 329 3.13 14.92 11.53
C ASP A 329 1.85 14.61 12.24
N GLU A 330 1.86 14.54 13.56
CA GLU A 330 0.64 14.21 14.31
C GLU A 330 -0.57 15.13 14.09
N LYS A 331 -0.33 16.41 13.81
CA LYS A 331 -1.41 17.38 13.63
C LYS A 331 -1.53 17.96 12.23
N ARG A 332 -0.97 17.28 11.23
CA ARG A 332 -1.02 17.74 9.84
C ARG A 332 -1.20 16.52 8.99
N VAL A 333 -2.28 16.48 8.22
CA VAL A 333 -2.58 15.34 7.38
C VAL A 333 -2.84 15.80 5.94
N MET A 334 -2.33 15.04 4.96
CA MET A 334 -2.58 15.32 3.56
C MET A 334 -3.82 14.47 3.26
N VAL A 335 -4.89 15.15 2.85
CA VAL A 335 -6.17 14.50 2.62
C VAL A 335 -6.76 14.93 1.28
N ASP A 336 -7.65 14.14 0.71
CA ASP A 336 -8.25 14.45 -0.58
C ASP A 336 -9.14 15.70 -0.50
N ALA A 337 -8.92 16.62 -1.45
CA ALA A 337 -9.65 17.87 -1.53
C ALA A 337 -11.14 17.66 -1.72
N ASN A 338 -11.52 16.57 -2.35
CA ASN A 338 -12.93 16.28 -2.61
C ASN A 338 -13.65 15.64 -1.45
N GLU A 339 -12.93 14.99 -0.55
CA GLU A 339 -13.57 14.28 0.55
C GLU A 339 -13.82 15.13 1.77
N VAL A 340 -14.72 16.10 1.62
CA VAL A 340 -15.05 17.06 2.68
C VAL A 340 -15.46 16.48 4.03
N PRO A 341 -16.30 15.43 4.03
CA PRO A 341 -16.73 14.84 5.30
C PRO A 341 -15.59 14.31 6.16
N ILE A 342 -14.54 13.74 5.56
CA ILE A 342 -13.42 13.25 6.37
C ILE A 342 -12.49 14.42 6.75
N GLN A 343 -12.51 15.48 5.95
CA GLN A 343 -11.72 16.68 6.24
C GLN A 343 -12.26 17.26 7.55
N LYS A 344 -13.58 17.37 7.64
CA LYS A 344 -14.24 17.89 8.83
C LYS A 344 -13.90 17.09 10.07
N MET A 345 -13.87 15.76 9.93
CA MET A 345 -13.53 14.90 11.05
C MET A 345 -12.16 15.25 11.60
N PHE A 346 -11.19 15.41 10.71
CA PHE A 346 -9.84 15.75 11.17
C PHE A 346 -9.82 17.11 11.82
N GLU A 347 -10.56 18.05 11.25
CA GLU A 347 -10.58 19.40 11.78
C GLU A 347 -11.19 19.49 13.19
N LYS A 348 -12.22 18.70 13.46
CA LYS A 348 -12.81 18.73 14.79
C LYS A 348 -11.86 18.09 15.80
N LEU A 349 -10.91 17.31 15.29
CA LEU A 349 -9.89 16.67 16.12
C LEU A 349 -8.67 17.58 16.28
N GLY A 350 -8.73 18.76 15.66
CA GLY A 350 -7.64 19.70 15.73
C GLY A 350 -6.45 19.37 14.83
N ILE A 351 -6.70 18.59 13.78
CA ILE A 351 -5.65 18.22 12.85
C ILE A 351 -5.79 19.05 11.59
N THR A 352 -4.73 19.76 11.24
CA THR A 352 -4.71 20.62 10.08
C THR A 352 -4.76 19.80 8.80
N THR A 353 -5.74 20.11 7.94
CA THR A 353 -5.89 19.40 6.69
C THR A 353 -5.19 20.10 5.51
N ILE A 354 -4.33 19.37 4.81
CA ILE A 354 -3.63 19.87 3.63
C ILE A 354 -4.34 19.16 2.49
N LYS A 355 -5.29 19.87 1.89
CA LYS A 355 -6.13 19.35 0.83
C LYS A 355 -5.48 19.32 -0.51
N VAL A 356 -5.50 18.15 -1.13
CA VAL A 356 -4.91 17.95 -2.44
C VAL A 356 -5.84 17.05 -3.21
N ASN A 357 -5.97 17.34 -4.51
CA ASN A 357 -6.84 16.54 -5.35
C ASN A 357 -6.06 15.51 -6.19
N ILE A 358 -6.38 14.25 -5.99
CA ILE A 358 -5.72 13.17 -6.74
C ILE A 358 -6.78 12.20 -7.19
N ARG A 359 -7.92 12.75 -7.61
CA ARG A 359 -9.07 11.98 -8.06
C ARG A 359 -8.69 11.00 -9.19
N ASN A 360 -7.92 11.47 -10.16
CA ASN A 360 -7.53 10.62 -11.29
C ASN A 360 -6.42 9.62 -10.95
N ALA A 361 -5.50 10.02 -10.07
CA ALA A 361 -4.40 9.18 -9.61
C ALA A 361 -5.01 8.01 -8.80
N ASN A 362 -6.08 8.31 -8.08
CA ASN A 362 -6.81 7.32 -7.30
C ASN A 362 -7.16 6.08 -8.15
N SER A 363 -7.48 6.30 -9.42
CA SER A 363 -7.89 5.21 -10.32
C SER A 363 -6.88 4.10 -10.44
N LEU A 364 -5.60 4.46 -10.26
CA LEU A 364 -4.49 3.52 -10.35
C LEU A 364 -4.41 2.56 -9.15
N GLY A 365 -5.15 2.86 -8.09
CA GLY A 365 -5.17 2.00 -6.93
C GLY A 365 -4.81 2.59 -5.59
N GLY A 366 -4.42 3.86 -5.53
CA GLY A 366 -4.04 4.39 -4.24
C GLY A 366 -4.36 5.82 -3.89
N GLY A 367 -4.19 6.14 -2.60
CA GLY A 367 -4.40 7.47 -2.06
C GLY A 367 -3.04 7.99 -1.64
N PHE A 368 -2.96 8.91 -0.69
CA PHE A 368 -1.66 9.44 -0.34
C PHE A 368 -0.69 8.46 0.27
N HIS A 369 -1.17 7.60 1.15
CA HIS A 369 -0.30 6.62 1.78
C HIS A 369 0.30 5.64 0.75
N CYS A 370 -0.53 5.20 -0.20
CA CYS A 370 -0.08 4.28 -1.23
C CYS A 370 0.93 4.88 -2.19
N TRP A 371 0.69 6.13 -2.60
CA TRP A 371 1.56 6.82 -3.54
C TRP A 371 2.90 7.27 -2.97
N THR A 372 3.12 7.02 -1.68
CA THR A 372 4.37 7.42 -1.05
C THR A 372 5.05 6.34 -0.20
N CYS A 373 6.26 6.65 0.23
CA CYS A 373 6.99 5.78 1.15
C CYS A 373 7.82 6.75 1.97
N ASP A 374 7.49 6.87 3.24
CA ASP A 374 8.22 7.75 4.13
C ASP A 374 9.60 7.14 4.45
N VAL A 375 10.63 7.80 3.96
CA VAL A 375 12.01 7.39 4.15
C VAL A 375 12.62 7.89 5.45
N ARG A 376 12.26 9.12 5.83
CA ARG A 376 12.79 9.71 7.08
C ARG A 376 11.76 10.60 7.79
N ARG A 377 11.51 10.30 9.07
CA ARG A 377 10.59 11.03 9.95
C ARG A 377 11.43 11.31 11.17
N ARG A 378 11.31 12.49 11.73
CA ARG A 378 12.10 12.83 12.90
C ARG A 378 11.51 12.20 14.17
N GLY A 379 12.27 11.33 14.82
CA GLY A 379 11.80 10.67 16.03
C GLY A 379 12.57 9.42 16.46
N THR A 380 12.07 8.77 17.51
CA THR A 380 12.71 7.58 18.06
C THR A 380 11.81 6.34 18.07
N LEU A 381 12.41 5.19 18.39
CA LEU A 381 11.68 3.94 18.47
C LEU A 381 11.00 3.88 19.81
N GLN A 382 9.70 3.67 19.81
CA GLN A 382 8.95 3.57 21.05
C GLN A 382 7.90 2.51 20.94
N SER A 383 7.25 2.24 22.07
CA SER A 383 6.16 1.28 22.12
C SER A 383 4.92 2.12 22.47
N TYR A 384 3.80 1.81 21.84
CA TYR A 384 2.54 2.54 22.02
C TYR A 384 1.47 1.56 22.42
N LEU A 385 1.84 0.29 22.47
CA LEU A 385 0.90 -0.74 22.85
C LEU A 385 1.21 -0.99 24.32
N ASP A 386 2.21 -0.26 24.80
CA ASP A 386 2.72 -0.26 26.16
C ASP A 386 3.70 -1.40 26.43
OXT DAV B . -9.69 -0.39 -0.93
O DAV B . -8.31 -0.87 0.70
CB DAV B . -6.18 -0.09 -1.02
CG DAV B . -5.11 -0.38 -2.04
CD DAV B . -4.03 0.67 -1.97
N DAV B . -2.69 0.14 -1.67
C DAV B . -8.56 -0.65 -0.51
C1 DAV B . -7.44 -0.70 -1.50
H DAV B . -2.41 -0.53 -2.41
H2 DAV B . -2.70 -0.34 -0.75
H3 DAV B . -2.01 0.93 -1.64
#